data_1LPQ
#
_entry.id   1LPQ
#
_cell.length_a   57.200
_cell.length_b   122.500
_cell.length_c   72.000
_cell.angle_alpha   90.00
_cell.angle_beta   97.40
_cell.angle_gamma   90.00
#
_symmetry.space_group_name_H-M   'P 1 21 1'
#
loop_
_entity.id
_entity.type
_entity.pdbx_description
1 polymer "5'-D(*AP*AP*AP*AP*AP*GP*AP*CP*TP*TP*(8OG)P*GP*AP*AP*AP*AP*AP*TP*TP*TP*TP*T)-3'"
2 polymer "5'-D(*AP*AP*AP*AP*AP*TP*TP*TP*TP*TP*CP*CP*AP*AP*GP*TP*CP*TP*TP*TP*TP*T)-3'"
3 polymer 'DNA topoisomerase I'
4 water water
#
loop_
_entity_poly.entity_id
_entity_poly.type
_entity_poly.pdbx_seq_one_letter_code
_entity_poly.pdbx_strand_id
1 'polydeoxyribonucleotide'
;(DA)(DA)(DA)(DA)(DA)(DG)(DA)(DC)(DT)(DT)(8OG)(DG)(DA)(DA)(DA)(DA)(DA)(DT)(DT)
(DT)(DT)(DT)
;
B
2 'polydeoxyribonucleotide'
;(DA)(DA)(DA)(DA)(DA)(DT)(DT)(DT)(DT)(DT)(DC)(DC)(DA)(DA)(DG)(DT)(DC)(DT)(DT)(DT)
(DT)(DT)
;
C
3 'polypeptide(L)'
;KWKWWEEERYPEGIKWKFLEHKGPVFAPPYEPLPENVKFYYDGKVMKLSPKAEEVATFFAKMLDHEYTTKEIFRKNFFKD
WRKEMTNEEKNIITNLSKCDFTQMSQYFKAQTEARKQMSKEEKLKIKEENEKLLKEYGFCIMDNHKERIANFKIEPPGLF
RGRGNHPKMGMLKRRIMPEDIIINCSKDAKVPSPPPGHKWKEVRHDNKVTWLVSWTENIQGSIKYIMLNPSSRIKGEKDW
QKYETARRLKKCVDKIRNQYREDWKSKEMKVRQRAVALYFIDKLALRAGNEKEEGETADTVGCCSLRVEHINLHPELDGQ
EYVVEFDFLGKDSIRYYNKVPVEKRVFKNLQLFMENKQPEDDLFDRLNTGILNKHLQDLMEGLTAKVFRTYNASITLQQQ
LKELTAPDENIPAKILSYNRANRAVAILCNHQRAPPKTFEKSMMNLQTKIDAKKEQLADARRDLKSAKADAKVMKDAKTK
KVVESKKKAVQRLEEQLMKLEVQATDREENKQIALGTSKLNFLDPRITVAWCKKWGVPIEKIYNKTQREKFAWAIDMADE
DYEF
;
A
#
# COMPACT_ATOMS: atom_id res chain seq x y z
N LYS C 1 -19.13 0.49 -20.58
CA LYS C 1 -19.17 0.83 -19.13
C LYS C 1 -20.36 0.10 -18.54
N TRP C 2 -20.43 0.01 -17.21
CA TRP C 2 -21.54 -0.63 -16.53
C TRP C 2 -21.70 -0.02 -15.15
N LYS C 3 -22.70 0.83 -14.98
CA LYS C 3 -22.93 1.47 -13.68
C LYS C 3 -23.61 0.52 -12.70
N TRP C 4 -22.80 -0.32 -12.06
CA TRP C 4 -23.30 -1.30 -11.09
C TRP C 4 -23.85 -0.64 -9.85
N TRP C 5 -23.35 0.55 -9.54
CA TRP C 5 -23.74 1.30 -8.35
C TRP C 5 -25.17 1.84 -8.45
N GLU C 6 -25.77 1.74 -9.63
CA GLU C 6 -27.12 2.20 -9.80
C GLU C 6 -27.98 0.97 -9.64
N GLU C 7 -27.31 -0.17 -9.50
CA GLU C 7 -28.01 -1.45 -9.35
C GLU C 7 -28.45 -1.73 -7.93
N GLU C 8 -29.44 -2.62 -7.80
CA GLU C 8 -29.97 -3.00 -6.49
C GLU C 8 -29.02 -3.96 -5.78
N ARG C 9 -28.56 -3.53 -4.61
CA ARG C 9 -27.62 -4.31 -3.82
C ARG C 9 -28.08 -5.71 -3.46
N TYR C 10 -27.12 -6.63 -3.40
CA TYR C 10 -27.35 -8.04 -3.10
C TYR C 10 -27.75 -8.31 -1.66
N PRO C 11 -28.52 -9.40 -1.43
CA PRO C 11 -28.95 -9.75 -0.07
C PRO C 11 -27.72 -9.98 0.79
N GLU C 12 -27.86 -9.85 2.10
CA GLU C 12 -26.73 -10.09 2.97
C GLU C 12 -26.42 -11.59 2.88
N GLY C 13 -25.14 -11.92 2.79
CA GLY C 13 -24.78 -13.32 2.70
C GLY C 13 -24.22 -13.76 1.37
N ILE C 14 -24.96 -13.55 0.30
CA ILE C 14 -24.49 -13.95 -1.03
C ILE C 14 -23.58 -12.89 -1.64
N LYS C 15 -22.58 -13.34 -2.41
CA LYS C 15 -21.64 -12.43 -3.06
C LYS C 15 -21.92 -12.36 -4.55
N TRP C 16 -22.05 -13.53 -5.18
CA TRP C 16 -22.36 -13.61 -6.61
C TRP C 16 -23.32 -14.76 -6.86
N LYS C 17 -23.90 -14.77 -8.06
CA LYS C 17 -24.86 -15.77 -8.49
C LYS C 17 -24.22 -16.71 -9.54
N PHE C 18 -23.41 -16.12 -10.42
CA PHE C 18 -22.71 -16.83 -11.49
C PHE C 18 -21.22 -16.46 -11.51
N LEU C 19 -20.37 -17.48 -11.67
CA LEU C 19 -18.93 -17.25 -11.72
C LEU C 19 -18.24 -18.15 -12.74
N GLU C 20 -17.43 -17.57 -13.61
CA GLU C 20 -16.72 -18.35 -14.64
C GLU C 20 -15.34 -17.78 -14.99
N HIS C 21 -14.34 -18.64 -15.11
CA HIS C 21 -13.00 -18.17 -15.43
C HIS C 21 -12.08 -19.31 -15.85
N LYS C 22 -10.93 -18.95 -16.42
CA LYS C 22 -9.95 -19.92 -16.91
C LYS C 22 -8.94 -20.30 -15.83
N GLY C 23 -9.32 -20.09 -14.58
CA GLY C 23 -8.40 -20.43 -13.52
C GLY C 23 -7.16 -19.56 -13.56
N PRO C 24 -6.03 -20.05 -13.02
CA PRO C 24 -4.77 -19.31 -12.99
C PRO C 24 -3.77 -19.59 -14.10
N VAL C 25 -2.71 -18.78 -14.10
CA VAL C 25 -1.61 -18.91 -15.06
C VAL C 25 -0.36 -19.26 -14.27
N PHE C 26 -0.11 -20.55 -14.14
CA PHE C 26 1.06 -21.03 -13.42
C PHE C 26 2.32 -20.35 -13.94
N ALA C 27 3.43 -20.60 -13.25
CA ALA C 27 4.70 -20.03 -13.62
C ALA C 27 5.40 -20.87 -14.69
N PRO C 28 6.31 -20.24 -15.45
CA PRO C 28 7.06 -20.88 -16.52
C PRO C 28 8.07 -21.92 -16.05
N PRO C 29 8.30 -22.97 -16.86
CA PRO C 29 9.24 -24.07 -16.57
C PRO C 29 10.63 -23.53 -16.22
N TYR C 30 11.42 -24.33 -15.51
CA TYR C 30 12.77 -23.90 -15.13
C TYR C 30 13.67 -23.98 -16.34
N GLU C 31 14.38 -22.90 -16.64
CA GLU C 31 15.27 -22.97 -17.76
C GLU C 31 16.69 -23.24 -17.27
N PRO C 32 17.18 -24.47 -17.46
CA PRO C 32 18.52 -24.82 -17.02
C PRO C 32 19.53 -23.84 -17.58
N LEU C 33 20.69 -23.75 -16.90
CA LEU C 33 21.76 -22.86 -17.30
C LEU C 33 22.60 -23.41 -18.44
N PRO C 34 23.23 -22.53 -19.23
CA PRO C 34 24.06 -22.97 -20.34
C PRO C 34 25.20 -23.82 -19.77
N GLU C 35 25.73 -24.73 -20.58
CA GLU C 35 26.82 -25.58 -20.14
C GLU C 35 27.97 -24.69 -19.65
N ASN C 36 28.08 -23.50 -20.21
CA ASN C 36 29.16 -22.59 -19.84
C ASN C 36 28.90 -21.66 -18.67
N VAL C 37 27.89 -21.97 -17.86
CA VAL C 37 27.61 -21.16 -16.67
C VAL C 37 27.77 -22.11 -15.49
N LYS C 38 28.99 -22.13 -14.96
CA LYS C 38 29.37 -23.03 -13.86
C LYS C 38 29.20 -22.56 -12.42
N PHE C 39 28.96 -23.55 -11.54
CA PHE C 39 28.81 -23.35 -10.11
C PHE C 39 30.10 -23.89 -9.48
N TYR C 40 30.39 -23.52 -8.24
CA TYR C 40 31.61 -24.00 -7.62
C TYR C 40 31.46 -24.32 -6.15
N TYR C 41 32.04 -25.43 -5.73
CA TYR C 41 32.03 -25.85 -4.34
C TYR C 41 33.43 -26.35 -3.97
N ASP C 42 34.07 -25.66 -3.04
CA ASP C 42 35.42 -25.98 -2.59
C ASP C 42 36.32 -25.76 -3.80
N GLY C 43 35.92 -24.81 -4.63
CA GLY C 43 36.69 -24.48 -5.82
C GLY C 43 36.50 -25.47 -6.96
N LYS C 44 36.16 -26.72 -6.63
CA LYS C 44 35.95 -27.75 -7.66
C LYS C 44 34.70 -27.43 -8.47
N VAL C 45 34.72 -27.67 -9.77
CA VAL C 45 33.53 -27.39 -10.55
C VAL C 45 32.46 -28.41 -10.21
N MET C 46 31.20 -28.02 -10.40
CA MET C 46 30.10 -28.92 -10.10
C MET C 46 28.82 -28.54 -10.84
N LYS C 47 28.23 -29.52 -11.49
CA LYS C 47 26.99 -29.34 -12.25
C LYS C 47 25.84 -29.82 -11.38
N LEU C 48 25.11 -28.88 -10.81
CA LEU C 48 23.99 -29.22 -9.94
C LEU C 48 22.77 -29.79 -10.67
N SER C 49 22.07 -30.71 -10.00
CA SER C 49 20.89 -31.30 -10.60
C SER C 49 19.85 -30.19 -10.59
N PRO C 50 18.88 -30.26 -11.52
CA PRO C 50 17.79 -29.30 -11.71
C PRO C 50 17.18 -28.58 -10.50
N LYS C 51 16.44 -29.32 -9.70
CA LYS C 51 15.79 -28.75 -8.52
C LYS C 51 16.76 -27.97 -7.64
N ALA C 52 17.99 -28.46 -7.51
CA ALA C 52 19.01 -27.78 -6.72
C ALA C 52 19.64 -26.60 -7.48
N GLU C 53 19.80 -26.74 -8.78
CA GLU C 53 20.36 -25.66 -9.58
C GLU C 53 19.33 -24.56 -9.58
N GLU C 54 18.07 -24.96 -9.50
CA GLU C 54 16.96 -24.03 -9.49
C GLU C 54 17.06 -23.17 -8.23
N VAL C 55 17.06 -23.81 -7.07
CA VAL C 55 17.15 -23.07 -5.83
C VAL C 55 18.46 -22.31 -5.81
N ALA C 56 19.52 -22.98 -6.25
CA ALA C 56 20.80 -22.33 -6.27
C ALA C 56 20.70 -20.98 -6.97
N THR C 57 20.00 -20.94 -8.10
CA THR C 57 19.89 -19.66 -8.82
C THR C 57 19.16 -18.56 -8.05
N PHE C 58 18.11 -18.90 -7.31
CA PHE C 58 17.40 -17.86 -6.56
C PHE C 58 18.36 -17.07 -5.67
N PHE C 59 19.39 -17.74 -5.17
CA PHE C 59 20.38 -17.11 -4.32
C PHE C 59 21.23 -16.24 -5.22
N ALA C 60 21.77 -16.85 -6.28
CA ALA C 60 22.61 -16.14 -7.22
C ALA C 60 21.97 -14.83 -7.67
N LYS C 61 20.72 -14.89 -8.11
CA LYS C 61 20.02 -13.70 -8.56
C LYS C 61 19.94 -12.65 -7.44
N MET C 62 20.35 -13.02 -6.23
CA MET C 62 20.28 -12.09 -5.10
C MET C 62 21.62 -11.75 -4.44
N LEU C 63 22.69 -12.43 -4.86
CA LEU C 63 24.01 -12.20 -4.29
C LEU C 63 24.29 -10.77 -3.81
N ASP C 64 24.17 -9.81 -4.73
CA ASP C 64 24.42 -8.40 -4.43
C ASP C 64 23.52 -7.80 -3.36
N HIS C 65 22.55 -8.57 -2.90
CA HIS C 65 21.63 -8.07 -1.88
C HIS C 65 22.10 -8.42 -0.48
N GLU C 66 22.22 -7.40 0.37
CA GLU C 66 22.70 -7.57 1.74
C GLU C 66 21.91 -8.64 2.48
N TYR C 67 20.67 -8.85 2.06
CA TYR C 67 19.85 -9.88 2.66
C TYR C 67 20.68 -11.16 2.76
N THR C 68 21.35 -11.49 1.65
CA THR C 68 22.15 -12.69 1.57
C THR C 68 23.26 -12.80 2.58
N THR C 69 23.60 -11.71 3.24
CA THR C 69 24.68 -11.79 4.23
C THR C 69 24.16 -12.13 5.62
N LYS C 70 22.96 -11.68 5.93
CA LYS C 70 22.36 -11.94 7.22
C LYS C 70 22.33 -13.43 7.60
N GLU C 71 22.55 -13.73 8.88
CA GLU C 71 22.57 -15.11 9.33
C GLU C 71 21.30 -15.87 9.00
N ILE C 72 20.19 -15.50 9.63
CA ILE C 72 18.90 -16.16 9.41
C ILE C 72 18.58 -16.43 7.92
N PHE C 73 19.09 -15.60 7.03
CA PHE C 73 18.84 -15.81 5.60
C PHE C 73 19.71 -16.96 5.09
N ARG C 74 21.00 -16.87 5.34
CA ARG C 74 21.94 -17.90 4.93
C ARG C 74 21.63 -19.21 5.66
N LYS C 75 21.08 -19.11 6.86
CA LYS C 75 20.74 -20.29 7.63
C LYS C 75 19.58 -20.95 6.91
N ASN C 76 18.43 -20.29 6.94
CA ASN C 76 17.22 -20.77 6.32
C ASN C 76 17.40 -21.21 4.89
N PHE C 77 18.09 -20.41 4.08
CA PHE C 77 18.30 -20.80 2.69
C PHE C 77 18.91 -22.19 2.58
N PHE C 78 20.14 -22.32 3.05
CA PHE C 78 20.84 -23.61 3.00
C PHE C 78 19.93 -24.72 3.46
N LYS C 79 19.41 -24.59 4.68
CA LYS C 79 18.50 -25.59 5.24
C LYS C 79 17.59 -26.19 4.17
N ASP C 80 16.97 -25.31 3.39
CA ASP C 80 16.04 -25.69 2.34
C ASP C 80 16.69 -26.12 1.04
N TRP C 81 17.64 -25.32 0.56
CA TRP C 81 18.35 -25.64 -0.68
C TRP C 81 18.87 -27.04 -0.56
N ARG C 82 19.12 -27.43 0.67
CA ARG C 82 19.62 -28.75 0.95
C ARG C 82 18.51 -29.77 0.72
N LYS C 83 17.33 -29.49 1.28
CA LYS C 83 16.18 -30.37 1.13
C LYS C 83 15.99 -30.74 -0.33
N GLU C 84 16.11 -29.74 -1.18
CA GLU C 84 15.94 -29.92 -2.62
C GLU C 84 17.19 -30.54 -3.26
N MET C 85 18.11 -31.07 -2.47
CA MET C 85 19.34 -31.65 -3.03
C MET C 85 19.28 -33.16 -3.19
N THR C 86 19.96 -33.69 -4.21
CA THR C 86 19.98 -35.14 -4.47
C THR C 86 20.89 -35.79 -3.45
N ASN C 87 20.61 -37.05 -3.10
CA ASN C 87 21.41 -37.71 -2.08
C ASN C 87 22.93 -37.63 -2.25
N GLU C 88 23.41 -37.85 -3.46
CA GLU C 88 24.85 -37.77 -3.71
C GLU C 88 25.39 -36.34 -3.52
N GLU C 89 24.56 -35.34 -3.80
CA GLU C 89 24.96 -33.95 -3.67
C GLU C 89 24.94 -33.47 -2.23
N LYS C 90 24.19 -34.13 -1.38
CA LYS C 90 24.14 -33.70 0.00
C LYS C 90 25.46 -34.02 0.66
N ASN C 91 26.03 -35.19 0.36
CA ASN C 91 27.30 -35.57 0.97
C ASN C 91 28.43 -34.62 0.61
N ILE C 92 28.28 -33.88 -0.47
CA ILE C 92 29.31 -32.95 -0.88
C ILE C 92 29.11 -31.58 -0.22
N ILE C 93 28.04 -30.90 -0.62
CA ILE C 93 27.71 -29.57 -0.10
C ILE C 93 27.24 -29.57 1.35
N THR C 94 28.10 -29.12 2.24
CA THR C 94 27.77 -29.07 3.66
C THR C 94 27.75 -27.68 4.30
N ASN C 95 27.95 -26.61 3.53
CA ASN C 95 27.97 -25.30 4.19
C ASN C 95 27.47 -24.03 3.51
N LEU C 96 27.44 -23.95 2.20
CA LEU C 96 26.94 -22.72 1.54
C LEU C 96 27.91 -21.58 1.58
N SER C 97 28.95 -21.70 2.40
CA SER C 97 30.00 -20.66 2.47
C SER C 97 31.13 -20.96 1.48
N LYS C 98 31.23 -22.22 1.07
CA LYS C 98 32.26 -22.64 0.12
C LYS C 98 31.64 -22.67 -1.29
N CYS C 99 30.38 -22.25 -1.39
CA CYS C 99 29.67 -22.26 -2.65
C CYS C 99 29.86 -20.99 -3.46
N ASP C 100 30.65 -21.06 -4.52
CA ASP C 100 30.92 -19.90 -5.36
C ASP C 100 29.79 -19.69 -6.35
N PHE C 101 28.99 -18.65 -6.14
CA PHE C 101 27.88 -18.38 -7.03
C PHE C 101 28.25 -17.25 -7.99
N THR C 102 29.45 -16.71 -7.82
CA THR C 102 29.89 -15.58 -8.63
C THR C 102 29.65 -15.70 -10.13
N GLN C 103 29.56 -16.93 -10.62
CA GLN C 103 29.35 -17.13 -12.05
C GLN C 103 27.90 -16.94 -12.43
N MET C 104 27.02 -17.70 -11.80
CA MET C 104 25.61 -17.60 -12.09
C MET C 104 25.18 -16.16 -11.97
N SER C 105 25.70 -15.48 -10.96
CA SER C 105 25.35 -14.08 -10.76
C SER C 105 25.76 -13.34 -12.03
N GLN C 106 27.07 -13.27 -12.28
CA GLN C 106 27.59 -12.58 -13.45
C GLN C 106 26.78 -12.92 -14.67
N TYR C 107 26.19 -14.12 -14.69
CA TYR C 107 25.38 -14.55 -15.81
C TYR C 107 24.04 -13.82 -15.91
N PHE C 108 23.31 -13.81 -14.81
CA PHE C 108 22.02 -13.15 -14.80
C PHE C 108 22.17 -11.66 -15.02
N LYS C 109 23.18 -11.05 -14.41
CA LYS C 109 23.41 -9.61 -14.61
C LYS C 109 23.36 -9.33 -16.11
N ALA C 110 24.33 -9.87 -16.83
CA ALA C 110 24.42 -9.69 -18.27
C ALA C 110 23.06 -9.95 -18.88
N GLN C 111 22.35 -10.93 -18.32
CA GLN C 111 21.04 -11.30 -18.81
C GLN C 111 20.11 -10.11 -18.65
N THR C 112 20.31 -9.36 -17.57
CA THR C 112 19.49 -8.19 -17.34
C THR C 112 19.99 -7.09 -18.24
N GLU C 113 21.30 -7.07 -18.47
CA GLU C 113 21.87 -6.06 -19.35
C GLU C 113 21.22 -6.22 -20.73
N ALA C 114 21.11 -7.46 -21.18
CA ALA C 114 20.49 -7.72 -22.48
C ALA C 114 19.00 -7.42 -22.45
N ARG C 115 18.41 -7.35 -21.26
CA ARG C 115 16.99 -7.05 -21.16
C ARG C 115 16.73 -5.59 -20.82
N LYS C 116 17.81 -4.82 -20.67
CA LYS C 116 17.68 -3.41 -20.33
C LYS C 116 17.90 -2.57 -21.58
N GLN C 117 18.04 -3.25 -22.70
CA GLN C 117 18.29 -2.57 -23.98
C GLN C 117 18.31 -3.61 -25.08
N MET C 118 17.12 -4.07 -25.48
CA MET C 118 16.99 -5.09 -26.52
C MET C 118 16.25 -4.53 -27.71
N SER C 119 16.16 -5.34 -28.75
CA SER C 119 15.46 -4.96 -29.98
C SER C 119 14.17 -4.23 -29.70
N LYS C 120 13.95 -3.12 -30.40
CA LYS C 120 12.72 -2.36 -30.21
C LYS C 120 11.55 -3.26 -30.64
N GLU C 121 11.91 -4.36 -31.31
CA GLU C 121 10.93 -5.34 -31.78
C GLU C 121 10.59 -6.33 -30.68
N GLU C 122 11.59 -6.71 -29.88
CA GLU C 122 11.39 -7.63 -28.77
C GLU C 122 10.48 -6.97 -27.75
N LYS C 123 10.70 -5.69 -27.52
CA LYS C 123 9.86 -4.95 -26.59
C LYS C 123 8.44 -5.07 -27.11
N LEU C 124 8.11 -4.31 -28.15
CA LEU C 124 6.77 -4.34 -28.72
C LEU C 124 6.28 -5.76 -29.00
N LYS C 125 7.18 -6.72 -28.98
CA LYS C 125 6.82 -8.11 -29.22
C LYS C 125 6.21 -8.71 -27.97
N ILE C 126 6.95 -8.62 -26.88
CA ILE C 126 6.50 -9.13 -25.58
C ILE C 126 5.33 -8.28 -25.08
N LYS C 127 5.36 -6.98 -25.34
CA LYS C 127 4.26 -6.14 -24.91
C LYS C 127 2.98 -6.67 -25.55
N GLU C 128 3.15 -7.33 -26.70
CA GLU C 128 2.04 -7.92 -27.45
C GLU C 128 1.80 -9.31 -26.86
N GLU C 129 2.85 -9.84 -26.23
CA GLU C 129 2.80 -11.15 -25.60
C GLU C 129 1.98 -11.06 -24.31
N ASN C 130 2.46 -10.24 -23.36
CA ASN C 130 1.77 -10.05 -22.09
C ASN C 130 0.30 -9.70 -22.34
N GLU C 131 0.06 -8.76 -23.24
CA GLU C 131 -1.30 -8.40 -23.57
C GLU C 131 -2.04 -9.68 -24.00
N LYS C 132 -1.39 -10.54 -24.79
CA LYS C 132 -2.03 -11.78 -25.23
C LYS C 132 -2.54 -12.58 -24.05
N LEU C 133 -1.70 -12.66 -23.02
CA LEU C 133 -2.02 -13.41 -21.80
C LEU C 133 -3.15 -12.69 -21.06
N LEU C 134 -3.11 -11.37 -21.07
CA LEU C 134 -4.13 -10.58 -20.40
C LEU C 134 -5.48 -10.62 -21.10
N LYS C 135 -5.55 -11.30 -22.25
CA LYS C 135 -6.79 -11.38 -23.01
C LYS C 135 -7.54 -12.66 -22.69
N GLU C 136 -6.79 -13.73 -22.50
CA GLU C 136 -7.36 -15.03 -22.20
C GLU C 136 -7.60 -15.25 -20.70
N TYR C 137 -6.62 -14.87 -19.87
CA TYR C 137 -6.68 -15.04 -18.39
C TYR C 137 -6.97 -13.81 -17.51
N GLY C 138 -6.54 -12.63 -17.95
CA GLY C 138 -6.74 -11.44 -17.18
C GLY C 138 -8.17 -11.01 -16.89
N PHE C 139 -9.17 -11.78 -17.33
CA PHE C 139 -10.56 -11.41 -17.10
C PHE C 139 -11.39 -12.63 -16.78
N CYS C 140 -12.46 -12.42 -16.04
CA CYS C 140 -13.38 -13.49 -15.64
C CYS C 140 -14.82 -13.03 -15.74
N ILE C 141 -15.75 -13.92 -15.44
CA ILE C 141 -17.14 -13.57 -15.50
C ILE C 141 -17.88 -13.78 -14.21
N MET C 142 -18.45 -12.69 -13.72
CA MET C 142 -19.20 -12.69 -12.48
C MET C 142 -20.56 -12.07 -12.75
N ASP C 143 -21.62 -12.86 -12.54
CA ASP C 143 -22.99 -12.37 -12.71
C ASP C 143 -23.25 -11.48 -13.90
N ASN C 144 -23.50 -12.09 -15.05
CA ASN C 144 -23.82 -11.38 -16.30
C ASN C 144 -22.88 -10.29 -16.82
N HIS C 145 -21.62 -10.27 -16.37
CA HIS C 145 -20.66 -9.26 -16.87
C HIS C 145 -19.22 -9.70 -16.79
N LYS C 146 -18.43 -9.31 -17.78
CA LYS C 146 -17.02 -9.63 -17.76
C LYS C 146 -16.47 -8.64 -16.77
N GLU C 147 -15.58 -9.08 -15.88
CA GLU C 147 -14.92 -8.21 -14.88
C GLU C 147 -13.46 -8.62 -14.74
N ARG C 148 -12.57 -7.64 -14.62
CA ARG C 148 -11.13 -7.88 -14.51
C ARG C 148 -10.63 -8.68 -13.27
N ILE C 149 -9.68 -9.59 -13.52
CA ILE C 149 -9.06 -10.42 -12.51
C ILE C 149 -7.82 -9.72 -11.99
N ALA C 150 -7.75 -9.48 -10.69
CA ALA C 150 -6.62 -8.77 -10.12
C ALA C 150 -5.25 -9.37 -10.38
N ASN C 151 -5.00 -10.61 -9.95
CA ASN C 151 -3.66 -11.19 -10.16
C ASN C 151 -3.63 -12.62 -10.68
N PHE C 152 -4.01 -12.80 -11.94
CA PHE C 152 -4.05 -14.11 -12.54
C PHE C 152 -2.73 -14.89 -12.52
N LYS C 153 -1.59 -14.20 -12.58
CA LYS C 153 -0.31 -14.92 -12.55
C LYS C 153 0.02 -15.37 -11.12
N ILE C 154 0.15 -16.69 -10.96
CA ILE C 154 0.48 -17.29 -9.68
C ILE C 154 1.91 -16.96 -9.26
N GLU C 155 2.16 -16.98 -7.95
CA GLU C 155 3.46 -16.64 -7.38
C GLU C 155 4.59 -17.60 -7.76
N PRO C 156 5.61 -17.11 -8.47
CA PRO C 156 6.74 -17.95 -8.87
C PRO C 156 7.52 -18.38 -7.65
N PRO C 157 8.25 -19.51 -7.74
CA PRO C 157 9.02 -19.98 -6.60
C PRO C 157 10.24 -19.09 -6.42
N GLY C 158 10.69 -18.98 -5.17
CA GLY C 158 11.84 -18.16 -4.87
C GLY C 158 12.11 -18.05 -3.38
N LEU C 159 13.17 -17.35 -3.03
CA LEU C 159 13.53 -17.16 -1.64
C LEU C 159 12.58 -16.14 -1.00
N PHE C 160 12.00 -16.50 0.15
CA PHE C 160 11.07 -15.62 0.87
C PHE C 160 11.74 -14.39 1.50
N ARG C 161 11.03 -13.26 1.54
CA ARG C 161 11.64 -12.07 2.10
C ARG C 161 10.65 -11.25 2.87
N GLY C 162 10.56 -11.51 4.15
CA GLY C 162 9.63 -10.74 4.97
C GLY C 162 10.19 -9.35 5.19
N ARG C 163 9.55 -8.61 6.10
CA ARG C 163 9.96 -7.25 6.43
C ARG C 163 10.49 -7.24 7.85
N GLY C 164 11.62 -6.57 8.05
CA GLY C 164 12.22 -6.51 9.38
C GLY C 164 12.90 -7.79 9.76
N ASN C 165 13.14 -7.95 11.05
CA ASN C 165 13.81 -9.15 11.56
C ASN C 165 12.99 -10.44 11.37
N HIS C 166 12.43 -10.63 10.20
CA HIS C 166 11.63 -11.83 9.96
C HIS C 166 12.42 -13.14 10.17
N PRO C 167 11.90 -14.05 11.00
CA PRO C 167 12.56 -15.32 11.27
C PRO C 167 12.64 -16.32 10.10
N LYS C 168 11.65 -16.27 9.20
CA LYS C 168 11.56 -17.18 8.06
C LYS C 168 12.33 -16.71 6.82
N MET C 169 12.72 -15.44 6.80
CA MET C 169 13.46 -14.90 5.65
C MET C 169 14.44 -15.93 5.17
N GLY C 170 14.56 -16.05 3.86
CA GLY C 170 15.47 -17.00 3.27
C GLY C 170 14.84 -18.34 2.94
N MET C 171 13.80 -18.74 3.67
CA MET C 171 13.18 -20.02 3.37
C MET C 171 12.72 -20.00 1.91
N LEU C 172 12.37 -21.17 1.40
CA LEU C 172 11.98 -21.31 0.00
C LEU C 172 10.49 -21.40 -0.28
N LYS C 173 9.98 -20.49 -1.11
CA LYS C 173 8.59 -20.51 -1.53
C LYS C 173 8.53 -21.58 -2.62
N ARG C 174 7.80 -22.65 -2.38
CA ARG C 174 7.71 -23.71 -3.39
C ARG C 174 6.85 -23.26 -4.56
N ARG C 175 7.11 -23.87 -5.72
CA ARG C 175 6.36 -23.58 -6.95
C ARG C 175 5.01 -24.27 -6.81
N ILE C 176 3.90 -23.52 -6.98
CA ILE C 176 2.57 -24.12 -6.84
C ILE C 176 2.22 -25.01 -8.02
N MET C 177 1.57 -26.14 -7.77
CA MET C 177 1.20 -27.06 -8.85
C MET C 177 -0.31 -27.13 -8.97
N PRO C 178 -0.84 -27.40 -10.18
CA PRO C 178 -2.29 -27.47 -10.40
C PRO C 178 -2.95 -28.30 -9.32
N GLU C 179 -2.15 -29.10 -8.64
CA GLU C 179 -2.62 -29.94 -7.58
C GLU C 179 -2.84 -29.19 -6.26
N ASP C 180 -2.20 -28.04 -6.13
CA ASP C 180 -2.31 -27.24 -4.91
C ASP C 180 -3.37 -26.15 -5.03
N ILE C 181 -3.96 -26.02 -6.21
CA ILE C 181 -4.96 -24.98 -6.49
C ILE C 181 -6.41 -25.39 -6.29
N ILE C 182 -7.25 -24.42 -5.98
CA ILE C 182 -8.66 -24.67 -5.81
C ILE C 182 -9.44 -23.65 -6.61
N ILE C 183 -10.17 -24.12 -7.62
CA ILE C 183 -10.94 -23.22 -8.44
C ILE C 183 -12.29 -23.09 -7.75
N ASN C 184 -12.98 -21.97 -7.94
CA ASN C 184 -14.28 -21.78 -7.30
C ASN C 184 -15.49 -21.84 -8.25
N CYS C 185 -15.80 -20.73 -8.95
CA CYS C 185 -16.96 -20.68 -9.88
C CYS C 185 -18.30 -21.35 -9.46
N SER C 186 -19.31 -21.10 -10.28
CA SER C 186 -20.67 -21.60 -10.03
C SER C 186 -20.94 -23.00 -10.56
N LYS C 187 -21.96 -23.64 -10.02
CA LYS C 187 -22.33 -24.99 -10.41
C LYS C 187 -22.67 -25.13 -11.89
N ASP C 188 -22.90 -24.00 -12.54
CA ASP C 188 -23.29 -24.00 -13.93
C ASP C 188 -22.28 -23.41 -14.90
N ALA C 189 -21.15 -22.93 -14.40
CA ALA C 189 -20.15 -22.36 -15.29
C ALA C 189 -19.25 -23.47 -15.83
N LYS C 190 -18.48 -23.16 -16.86
CA LYS C 190 -17.58 -24.16 -17.42
C LYS C 190 -16.26 -24.15 -16.68
N VAL C 191 -15.99 -25.26 -15.99
CA VAL C 191 -14.76 -25.43 -15.22
C VAL C 191 -13.56 -25.42 -16.16
N PRO C 192 -12.56 -24.56 -15.88
CA PRO C 192 -11.35 -24.41 -16.69
C PRO C 192 -10.45 -25.64 -16.57
N SER C 193 -9.97 -26.12 -17.71
CA SER C 193 -9.14 -27.32 -17.73
C SER C 193 -7.69 -27.14 -17.30
N PRO C 194 -7.29 -27.78 -16.19
CA PRO C 194 -5.91 -27.68 -15.71
C PRO C 194 -4.96 -28.04 -16.84
N PRO C 195 -3.73 -27.51 -16.81
CA PRO C 195 -2.76 -27.82 -17.86
C PRO C 195 -2.76 -29.32 -18.18
N PRO C 196 -2.40 -29.68 -19.42
CA PRO C 196 -2.34 -31.05 -19.94
C PRO C 196 -1.83 -32.12 -18.97
N GLY C 197 -2.72 -33.05 -18.62
CA GLY C 197 -2.36 -34.13 -17.73
C GLY C 197 -2.08 -33.75 -16.28
N HIS C 198 -3.01 -32.99 -15.69
CA HIS C 198 -2.89 -32.56 -14.31
C HIS C 198 -4.25 -32.54 -13.65
N LYS C 199 -4.34 -32.02 -12.44
CA LYS C 199 -5.62 -31.99 -11.74
C LYS C 199 -5.69 -30.96 -10.63
N TRP C 200 -6.78 -30.21 -10.60
CA TRP C 200 -7.01 -29.21 -9.56
C TRP C 200 -7.01 -29.97 -8.24
N LYS C 201 -6.95 -29.26 -7.11
CA LYS C 201 -6.98 -29.90 -5.80
C LYS C 201 -8.42 -30.05 -5.34
N GLU C 202 -9.28 -29.14 -5.76
CA GLU C 202 -10.71 -29.14 -5.43
C GLU C 202 -11.41 -28.09 -6.28
N VAL C 203 -12.65 -28.35 -6.67
CA VAL C 203 -13.39 -27.41 -7.50
C VAL C 203 -14.69 -27.05 -6.82
N ARG C 204 -14.64 -26.32 -5.71
CA ARG C 204 -15.87 -26.01 -4.98
C ARG C 204 -16.63 -24.85 -5.57
N HIS C 205 -17.95 -24.91 -5.42
CA HIS C 205 -18.86 -23.89 -5.90
C HIS C 205 -19.35 -23.20 -4.63
N ASP C 206 -18.93 -21.95 -4.42
CA ASP C 206 -19.31 -21.24 -3.21
C ASP C 206 -19.56 -19.76 -3.47
N ASN C 207 -20.83 -19.36 -3.43
CA ASN C 207 -21.23 -17.99 -3.71
C ASN C 207 -21.11 -17.13 -2.46
N LYS C 208 -20.39 -17.61 -1.46
CA LYS C 208 -20.27 -16.84 -0.24
C LYS C 208 -18.94 -16.13 -0.20
N VAL C 209 -18.03 -16.62 -1.02
CA VAL C 209 -16.69 -16.06 -1.12
C VAL C 209 -16.66 -15.14 -2.32
N THR C 210 -15.50 -14.59 -2.62
CA THR C 210 -15.41 -13.71 -3.76
C THR C 210 -14.15 -14.06 -4.54
N TRP C 211 -13.40 -15.04 -4.05
CA TRP C 211 -12.17 -15.43 -4.72
C TRP C 211 -12.38 -16.46 -5.82
N LEU C 212 -11.49 -16.43 -6.83
CA LEU C 212 -11.55 -17.35 -7.98
C LEU C 212 -10.63 -18.55 -7.79
N VAL C 213 -9.48 -18.32 -7.19
CA VAL C 213 -8.55 -19.39 -6.95
C VAL C 213 -8.02 -19.19 -5.54
N SER C 214 -7.27 -20.15 -5.01
CA SER C 214 -6.73 -20.02 -3.66
C SER C 214 -5.92 -21.25 -3.39
N TRP C 215 -4.78 -21.06 -2.75
CA TRP C 215 -3.87 -22.15 -2.43
C TRP C 215 -3.19 -21.76 -1.16
N THR C 216 -2.53 -22.71 -0.49
CA THR C 216 -1.87 -22.31 0.74
C THR C 216 -0.38 -22.03 0.56
N GLU C 217 0.09 -20.96 1.21
CA GLU C 217 1.49 -20.55 1.20
C GLU C 217 2.17 -21.62 2.04
N ASN C 218 3.23 -22.23 1.53
CA ASN C 218 3.89 -23.28 2.29
C ASN C 218 4.92 -22.72 3.26
N ILE C 219 4.96 -21.41 3.40
CA ILE C 219 5.92 -20.82 4.31
C ILE C 219 5.26 -20.46 5.61
N GLN C 220 4.20 -19.66 5.55
CA GLN C 220 3.46 -19.26 6.74
C GLN C 220 2.27 -20.18 6.92
N GLY C 221 2.08 -21.08 5.98
CA GLY C 221 0.95 -21.99 6.08
C GLY C 221 -0.31 -21.16 6.14
N SER C 222 -0.35 -20.12 5.32
CA SER C 222 -1.49 -19.22 5.26
C SER C 222 -2.19 -19.48 3.94
N ILE C 223 -3.09 -18.58 3.53
CA ILE C 223 -3.84 -18.72 2.28
C ILE C 223 -3.78 -17.56 1.26
N LYS C 224 -3.37 -17.87 0.04
CA LYS C 224 -3.30 -16.87 -1.02
C LYS C 224 -4.58 -17.01 -1.82
N TYR C 225 -5.04 -15.95 -2.48
CA TYR C 225 -6.30 -16.04 -3.19
C TYR C 225 -6.49 -15.86 -4.68
N ILE C 226 -6.37 -14.62 -5.16
CA ILE C 226 -6.65 -14.25 -6.56
C ILE C 226 -8.13 -13.82 -6.53
N MET C 227 -8.31 -12.50 -6.60
CA MET C 227 -9.59 -11.85 -6.56
C MET C 227 -9.65 -10.77 -7.64
N LEU C 228 -10.83 -10.19 -7.83
CA LEU C 228 -11.02 -9.19 -8.86
C LEU C 228 -10.18 -7.91 -8.72
N ASN C 229 -10.31 -7.08 -9.73
CA ASN C 229 -9.59 -5.83 -9.83
C ASN C 229 -10.43 -4.77 -9.13
N PRO C 230 -9.80 -3.68 -8.65
CA PRO C 230 -10.47 -2.57 -7.96
C PRO C 230 -11.74 -2.03 -8.61
N SER C 231 -11.79 -2.10 -9.93
CA SER C 231 -12.94 -1.62 -10.69
C SER C 231 -14.12 -2.59 -10.65
N SER C 232 -14.04 -3.60 -9.80
CA SER C 232 -15.07 -4.61 -9.69
C SER C 232 -16.28 -4.16 -8.90
N ARG C 233 -17.46 -4.58 -9.35
CA ARG C 233 -18.70 -4.26 -8.63
C ARG C 233 -18.69 -5.05 -7.32
N ILE C 234 -17.53 -5.62 -7.00
CA ILE C 234 -17.36 -6.45 -5.83
C ILE C 234 -16.30 -5.92 -4.90
N LYS C 235 -15.30 -5.24 -5.45
CA LYS C 235 -14.26 -4.67 -4.61
C LYS C 235 -14.71 -3.26 -4.30
N GLY C 236 -15.23 -2.61 -5.33
CA GLY C 236 -15.70 -1.24 -5.20
C GLY C 236 -16.87 -1.14 -4.25
N GLU C 237 -17.90 -1.94 -4.49
CA GLU C 237 -19.05 -1.91 -3.62
C GLU C 237 -18.60 -1.97 -2.15
N LYS C 238 -17.55 -2.73 -1.88
CA LYS C 238 -17.08 -2.79 -0.50
C LYS C 238 -16.30 -1.54 -0.11
N ASP C 239 -15.57 -0.94 -1.03
CA ASP C 239 -14.82 0.27 -0.67
C ASP C 239 -15.82 1.40 -0.45
N TRP C 240 -16.85 1.47 -1.29
CA TRP C 240 -17.89 2.48 -1.14
C TRP C 240 -18.41 2.33 0.28
N GLN C 241 -18.96 1.17 0.57
CA GLN C 241 -19.50 0.88 1.88
C GLN C 241 -18.49 1.21 2.97
N LYS C 242 -17.21 1.20 2.62
CA LYS C 242 -16.20 1.51 3.63
C LYS C 242 -16.34 2.96 4.02
N TYR C 243 -16.58 3.81 3.04
CA TYR C 243 -16.72 5.23 3.30
C TYR C 243 -18.09 5.56 3.83
N GLU C 244 -19.05 4.65 3.64
CA GLU C 244 -20.37 4.92 4.17
C GLU C 244 -20.28 4.72 5.70
N THR C 245 -19.82 3.54 6.13
CA THR C 245 -19.70 3.24 7.56
C THR C 245 -18.97 4.33 8.33
N ALA C 246 -18.04 5.01 7.68
CA ALA C 246 -17.28 6.06 8.31
C ALA C 246 -18.17 7.28 8.46
N ARG C 247 -19.16 7.39 7.57
CA ARG C 247 -20.09 8.51 7.64
C ARG C 247 -21.00 8.37 8.85
N ARG C 248 -21.52 7.18 9.10
CA ARG C 248 -22.39 6.97 10.25
C ARG C 248 -21.63 7.44 11.47
N LEU C 249 -20.43 6.89 11.67
CA LEU C 249 -19.64 7.29 12.81
C LEU C 249 -19.55 8.81 12.90
N LYS C 250 -19.62 9.47 11.75
CA LYS C 250 -19.54 10.93 11.70
C LYS C 250 -20.70 11.58 12.48
N LYS C 251 -21.69 10.78 12.83
CA LYS C 251 -22.82 11.27 13.59
C LYS C 251 -22.59 10.98 15.07
N CYS C 252 -22.62 9.69 15.44
CA CYS C 252 -22.42 9.31 16.81
C CYS C 252 -20.95 9.26 17.21
N VAL C 253 -20.15 10.17 16.67
CA VAL C 253 -18.73 10.21 17.03
C VAL C 253 -18.62 10.84 18.41
N ASP C 254 -19.13 12.06 18.53
CA ASP C 254 -19.11 12.81 19.76
C ASP C 254 -19.79 12.05 20.89
N LYS C 255 -20.77 11.23 20.54
CA LYS C 255 -21.48 10.44 21.54
C LYS C 255 -20.66 9.25 22.02
N ILE C 256 -19.58 8.94 21.30
CA ILE C 256 -18.72 7.82 21.65
C ILE C 256 -17.53 8.31 22.44
N ARG C 257 -17.11 9.53 22.15
CA ARG C 257 -15.97 10.10 22.84
C ARG C 257 -16.33 10.48 24.26
N ASN C 258 -17.27 11.41 24.43
CA ASN C 258 -17.71 11.80 25.77
C ASN C 258 -18.12 10.55 26.51
N GLN C 259 -18.31 9.47 25.74
CA GLN C 259 -18.68 8.17 26.27
C GLN C 259 -17.44 7.55 26.88
N TYR C 260 -16.60 6.92 26.06
CA TYR C 260 -15.38 6.31 26.57
C TYR C 260 -14.57 7.21 27.49
N ARG C 261 -14.81 8.52 27.42
CA ARG C 261 -14.10 9.46 28.30
C ARG C 261 -14.56 9.15 29.72
N GLU C 262 -15.87 9.01 29.88
CA GLU C 262 -16.47 8.71 31.17
C GLU C 262 -16.42 7.21 31.33
N ASP C 263 -15.40 6.59 30.77
CA ASP C 263 -15.23 5.15 30.84
C ASP C 263 -13.89 4.86 31.50
N TRP C 264 -12.98 5.84 31.45
CA TRP C 264 -11.66 5.66 32.03
C TRP C 264 -11.79 5.38 33.52
N LYS C 265 -12.79 5.98 34.14
CA LYS C 265 -13.03 5.79 35.56
C LYS C 265 -14.04 4.68 35.83
N SER C 266 -13.73 3.46 35.42
CA SER C 266 -14.64 2.33 35.66
C SER C 266 -13.98 1.30 36.56
N LYS C 267 -14.54 1.16 37.76
CA LYS C 267 -14.02 0.22 38.75
C LYS C 267 -13.58 -1.09 38.13
N GLU C 268 -14.24 -1.52 37.06
CA GLU C 268 -13.90 -2.77 36.41
C GLU C 268 -12.56 -2.70 35.69
N MET C 269 -11.69 -3.70 35.93
CA MET C 269 -10.38 -3.77 35.29
C MET C 269 -10.60 -3.66 33.76
N LYS C 270 -11.38 -4.58 33.20
CA LYS C 270 -11.71 -4.53 31.77
C LYS C 270 -12.35 -3.17 31.59
N VAL C 271 -12.76 -2.84 30.37
CA VAL C 271 -13.26 -1.50 30.17
C VAL C 271 -11.97 -0.88 30.66
N ARG C 272 -12.02 0.29 31.27
CA ARG C 272 -10.77 0.90 31.74
C ARG C 272 -9.62 -0.01 31.31
N GLN C 273 -9.17 0.18 30.06
CA GLN C 273 -8.08 -0.57 29.38
C GLN C 273 -8.50 -0.45 27.94
N ARG C 274 -9.76 -0.78 27.73
CA ARG C 274 -10.40 -0.76 26.44
C ARG C 274 -10.46 0.68 26.06
N ALA C 275 -11.13 1.47 26.90
CA ALA C 275 -11.29 2.89 26.65
C ALA C 275 -9.95 3.58 26.38
N VAL C 276 -8.88 3.18 27.07
CA VAL C 276 -7.57 3.79 26.84
C VAL C 276 -7.11 3.43 25.45
N ALA C 277 -7.07 2.13 25.19
CA ALA C 277 -6.67 1.63 23.90
C ALA C 277 -7.47 2.41 22.89
N LEU C 278 -8.78 2.33 23.00
CA LEU C 278 -9.69 3.02 22.10
C LEU C 278 -9.33 4.50 21.98
N TYR C 279 -8.85 5.09 23.07
CA TYR C 279 -8.47 6.49 23.09
C TYR C 279 -7.37 6.80 22.08
N PHE C 280 -6.24 6.13 22.22
CA PHE C 280 -5.13 6.34 21.31
C PHE C 280 -5.55 6.04 19.86
N ILE C 281 -6.33 4.98 19.68
CA ILE C 281 -6.78 4.61 18.36
C ILE C 281 -7.48 5.77 17.71
N ASP C 282 -7.97 6.70 18.51
CA ASP C 282 -8.67 7.85 17.96
C ASP C 282 -7.77 9.09 17.90
N LYS C 283 -6.81 9.17 18.82
CA LYS C 283 -5.89 10.31 18.88
C LYS C 283 -4.63 10.18 18.00
N LEU C 284 -4.08 8.97 17.86
CA LEU C 284 -2.87 8.78 17.08
C LEU C 284 -3.05 7.76 15.96
N ALA C 285 -4.31 7.54 15.58
CA ALA C 285 -4.63 6.58 14.54
C ALA C 285 -3.71 5.35 14.57
N LEU C 286 -3.71 4.62 15.69
CA LEU C 286 -2.90 3.41 15.85
C LEU C 286 -3.66 2.29 15.16
N ARG C 287 -3.13 1.08 15.21
CA ARG C 287 -3.83 -0.02 14.58
C ARG C 287 -4.30 -0.90 15.71
N ALA C 288 -5.51 -1.44 15.60
CA ALA C 288 -6.03 -2.30 16.66
C ALA C 288 -4.89 -3.01 17.40
N GLY C 289 -4.29 -4.03 16.80
CA GLY C 289 -3.21 -4.73 17.48
C GLY C 289 -3.42 -6.21 17.66
N ASN C 290 -4.19 -6.81 16.74
CA ASN C 290 -4.49 -8.26 16.76
C ASN C 290 -3.23 -9.03 17.11
N GLU C 291 -3.31 -9.91 18.11
CA GLU C 291 -2.14 -10.69 18.52
C GLU C 291 -1.52 -11.57 17.43
N LYS C 292 -0.22 -11.82 17.54
CA LYS C 292 0.51 -12.61 16.55
C LYS C 292 1.15 -13.92 17.02
N GLU C 293 0.94 -14.98 16.26
CA GLU C 293 1.52 -16.29 16.57
C GLU C 293 3.01 -16.07 16.66
N GLU C 294 3.56 -16.10 17.87
CA GLU C 294 4.98 -15.88 18.10
C GLU C 294 5.91 -16.78 17.29
N GLY C 295 6.77 -16.18 16.49
CA GLY C 295 7.70 -16.96 15.69
C GLY C 295 7.47 -16.98 14.19
N GLU C 296 6.25 -16.69 13.74
CA GLU C 296 5.96 -16.70 12.33
C GLU C 296 6.33 -15.37 11.68
N THR C 297 5.88 -14.28 12.26
CA THR C 297 6.20 -12.96 11.72
C THR C 297 7.22 -12.33 12.66
N ALA C 298 7.93 -11.31 12.20
CA ALA C 298 8.91 -10.63 13.03
C ALA C 298 8.15 -9.92 14.16
N ASP C 299 8.78 -9.75 15.31
CA ASP C 299 8.15 -9.08 16.46
C ASP C 299 7.70 -7.66 16.10
N THR C 300 6.40 -7.39 16.19
CA THR C 300 5.84 -6.06 15.91
C THR C 300 4.56 -5.91 16.72
N VAL C 301 3.99 -4.71 16.76
CA VAL C 301 2.77 -4.53 17.54
C VAL C 301 1.67 -3.56 17.09
N GLY C 302 0.76 -3.30 18.01
CA GLY C 302 -0.35 -2.41 17.77
C GLY C 302 -0.91 -2.01 19.13
N CYS C 303 -1.89 -1.11 19.15
CA CYS C 303 -2.52 -0.66 20.40
C CYS C 303 -2.74 -1.78 21.41
N CYS C 304 -3.68 -2.67 21.10
CA CYS C 304 -4.02 -3.82 21.96
C CYS C 304 -2.88 -4.75 22.31
N SER C 305 -1.90 -4.87 21.42
CA SER C 305 -0.78 -5.78 21.65
C SER C 305 0.44 -5.14 22.32
N LEU C 306 0.34 -3.86 22.63
CA LEU C 306 1.43 -3.11 23.26
C LEU C 306 1.89 -3.65 24.61
N ARG C 307 3.20 -3.85 24.77
CA ARG C 307 3.76 -4.35 26.02
C ARG C 307 4.28 -3.20 26.88
N VAL C 308 4.37 -3.43 28.19
CA VAL C 308 4.82 -2.38 29.09
C VAL C 308 6.15 -1.79 28.66
N GLU C 309 6.97 -2.57 27.96
CA GLU C 309 8.26 -2.08 27.54
C GLU C 309 8.21 -1.21 26.32
N HIS C 310 7.00 -0.93 25.82
CA HIS C 310 6.86 -0.12 24.63
C HIS C 310 6.50 1.33 24.96
N ILE C 311 5.97 1.53 26.15
CA ILE C 311 5.63 2.87 26.59
C ILE C 311 6.29 3.17 27.92
N ASN C 312 6.73 4.42 28.02
CA ASN C 312 7.40 4.95 29.20
C ASN C 312 6.37 5.96 29.75
N LEU C 313 6.64 6.58 30.89
CA LEU C 313 5.67 7.54 31.44
C LEU C 313 6.32 8.66 32.26
N HIS C 314 6.15 9.91 31.85
CA HIS C 314 6.76 11.02 32.57
C HIS C 314 5.72 11.98 33.08
N PRO C 315 5.66 12.19 34.40
CA PRO C 315 4.70 13.11 35.04
C PRO C 315 4.81 14.50 34.44
N GLU C 316 6.05 14.93 34.21
CA GLU C 316 6.33 16.24 33.64
C GLU C 316 7.47 16.05 32.66
N LEU C 317 7.25 16.43 31.40
CA LEU C 317 8.27 16.29 30.37
C LEU C 317 8.24 17.44 29.36
N ASP C 318 9.38 17.69 28.73
CA ASP C 318 9.54 18.73 27.72
C ASP C 318 8.53 19.86 27.86
N GLY C 319 8.31 20.28 29.11
CA GLY C 319 7.34 21.34 29.35
C GLY C 319 5.97 20.78 29.72
N GLN C 320 5.28 20.17 28.76
CA GLN C 320 3.95 19.61 28.99
C GLN C 320 3.92 18.48 30.03
N GLU C 321 2.84 18.43 30.80
CA GLU C 321 2.67 17.42 31.84
C GLU C 321 1.89 16.20 31.35
N TYR C 322 2.10 15.06 32.02
CA TYR C 322 1.46 13.79 31.69
C TYR C 322 1.81 13.37 30.27
N VAL C 323 2.93 12.66 30.12
CA VAL C 323 3.39 12.24 28.80
C VAL C 323 3.65 10.75 28.65
N VAL C 324 3.02 10.15 27.64
CA VAL C 324 3.21 8.74 27.35
C VAL C 324 4.12 8.63 26.10
N GLU C 325 5.35 8.17 26.34
CA GLU C 325 6.37 8.02 25.32
C GLU C 325 6.23 6.69 24.59
N PHE C 326 5.70 6.74 23.37
CA PHE C 326 5.53 5.53 22.57
C PHE C 326 6.79 5.23 21.78
N ASP C 327 7.24 3.99 21.83
CA ASP C 327 8.41 3.58 21.07
C ASP C 327 8.35 2.07 20.84
N PHE C 328 7.93 1.67 19.64
CA PHE C 328 7.82 0.26 19.30
C PHE C 328 7.92 0.02 17.79
N LEU C 329 7.89 -1.24 17.37
CA LEU C 329 7.96 -1.56 15.95
C LEU C 329 6.60 -1.93 15.40
N GLY C 330 6.03 -1.04 14.61
CA GLY C 330 4.71 -1.26 14.04
C GLY C 330 4.57 -2.29 12.94
N LYS C 331 3.76 -1.95 11.94
CA LYS C 331 3.53 -2.84 10.82
C LYS C 331 4.69 -2.80 9.83
N ASP C 332 4.98 -3.94 9.22
CA ASP C 332 6.06 -4.03 8.26
C ASP C 332 7.38 -3.78 8.97
N SER C 333 7.32 -3.36 10.22
CA SER C 333 8.51 -3.06 11.03
C SER C 333 8.94 -1.61 10.90
N ILE C 334 8.00 -0.75 10.51
CA ILE C 334 8.24 0.68 10.39
C ILE C 334 8.03 1.24 11.80
N ARG C 335 9.13 1.58 12.45
CA ARG C 335 9.11 2.08 13.84
C ARG C 335 8.19 3.25 14.15
N TYR C 336 7.60 3.19 15.34
CA TYR C 336 6.71 4.23 15.79
C TYR C 336 7.17 4.76 17.13
N TYR C 337 7.70 5.97 17.10
CA TYR C 337 8.18 6.66 18.29
C TYR C 337 7.42 7.99 18.30
N ASN C 338 6.95 8.36 19.49
CA ASN C 338 6.22 9.62 19.62
C ASN C 338 5.67 9.87 21.01
N LYS C 339 6.28 10.81 21.74
CA LYS C 339 5.82 11.16 23.09
C LYS C 339 4.48 11.89 22.99
N VAL C 340 3.48 11.38 23.70
CA VAL C 340 2.18 11.99 23.62
C VAL C 340 1.58 12.40 24.95
N PRO C 341 1.26 13.70 25.11
CA PRO C 341 0.66 14.26 26.33
C PRO C 341 -0.83 13.93 26.32
N VAL C 342 -1.22 13.04 27.23
CA VAL C 342 -2.60 12.60 27.32
C VAL C 342 -3.37 13.32 28.40
N GLU C 343 -4.53 12.76 28.71
CA GLU C 343 -5.40 13.28 29.73
C GLU C 343 -4.86 12.84 31.10
N LYS C 344 -4.93 13.75 32.07
CA LYS C 344 -4.47 13.47 33.42
C LYS C 344 -5.05 12.12 33.87
N ARG C 345 -6.35 11.97 33.68
CA ARG C 345 -7.05 10.75 34.08
C ARG C 345 -6.55 9.49 33.37
N VAL C 346 -6.03 9.66 32.16
CA VAL C 346 -5.52 8.53 31.37
C VAL C 346 -4.11 8.14 31.79
N PHE C 347 -3.33 9.14 32.18
CA PHE C 347 -1.98 8.89 32.63
C PHE C 347 -2.01 8.10 33.94
N LYS C 348 -2.70 8.60 34.97
CA LYS C 348 -2.77 7.89 36.25
C LYS C 348 -3.30 6.47 36.02
N ASN C 349 -4.31 6.38 35.15
CA ASN C 349 -4.94 5.15 34.77
C ASN C 349 -3.99 4.25 33.99
N LEU C 350 -3.25 4.83 33.07
CA LEU C 350 -2.28 4.09 32.30
C LEU C 350 -1.28 3.46 33.29
N GLN C 351 -0.81 4.27 34.24
CA GLN C 351 0.12 3.78 35.25
C GLN C 351 -0.48 2.60 36.00
N LEU C 352 -1.81 2.55 36.05
CA LEU C 352 -2.46 1.47 36.76
C LEU C 352 -2.00 0.09 36.27
N PHE C 353 -2.23 -0.20 34.99
CA PHE C 353 -1.80 -1.49 34.43
C PHE C 353 -0.30 -1.44 34.19
N MET C 354 0.44 -0.94 35.17
CA MET C 354 1.89 -0.82 35.03
C MET C 354 2.64 -1.50 36.18
N GLU C 355 1.91 -1.88 37.22
CA GLU C 355 2.49 -2.52 38.38
C GLU C 355 2.42 -4.04 38.27
N ASN C 356 3.46 -4.72 38.76
CA ASN C 356 3.53 -6.19 38.73
C ASN C 356 3.72 -6.76 37.33
N LYS C 357 4.51 -6.08 36.50
CA LYS C 357 4.72 -6.52 35.11
C LYS C 357 6.14 -6.29 34.61
N GLN C 358 6.72 -7.31 33.97
CA GLN C 358 8.05 -7.20 33.39
C GLN C 358 7.84 -6.46 32.08
N PRO C 359 8.92 -6.06 31.41
CA PRO C 359 8.83 -5.34 30.12
C PRO C 359 8.10 -6.13 29.02
N GLU C 360 8.18 -7.46 29.11
CA GLU C 360 7.54 -8.33 28.14
C GLU C 360 6.13 -8.77 28.51
N ASP C 361 5.46 -7.99 29.34
CA ASP C 361 4.09 -8.33 29.73
C ASP C 361 3.07 -7.45 29.00
N ASP C 362 2.00 -8.07 28.51
CA ASP C 362 0.93 -7.35 27.81
C ASP C 362 0.53 -6.13 28.63
N LEU C 363 0.63 -4.95 28.02
CA LEU C 363 0.25 -3.74 28.71
C LEU C 363 -1.23 -3.76 28.98
N PHE C 364 -2.03 -4.30 28.07
CA PHE C 364 -3.46 -4.36 28.29
C PHE C 364 -3.98 -5.78 28.39
N ASP C 365 -3.42 -6.61 29.27
CA ASP C 365 -3.91 -7.98 29.38
C ASP C 365 -5.38 -7.90 29.82
N ARG C 366 -6.17 -8.87 29.37
CA ARG C 366 -7.60 -8.91 29.65
C ARG C 366 -8.30 -7.92 28.73
N LEU C 367 -7.72 -7.76 27.55
CA LEU C 367 -8.20 -6.87 26.51
C LEU C 367 -7.57 -7.28 25.18
N ASN C 368 -8.31 -7.12 24.10
CA ASN C 368 -7.77 -7.46 22.79
C ASN C 368 -8.79 -7.08 21.73
N THR C 369 -8.34 -7.02 20.48
CA THR C 369 -9.21 -6.64 19.38
C THR C 369 -10.61 -7.22 19.53
N GLY C 370 -10.69 -8.52 19.78
CA GLY C 370 -11.99 -9.17 19.95
C GLY C 370 -12.93 -8.40 20.86
N ILE C 371 -12.49 -8.14 22.09
CA ILE C 371 -13.29 -7.39 23.05
C ILE C 371 -13.55 -5.98 22.56
N LEU C 372 -12.50 -5.32 22.06
CA LEU C 372 -12.59 -3.95 21.58
C LEU C 372 -13.60 -3.75 20.45
N ASN C 373 -13.55 -4.60 19.44
CA ASN C 373 -14.49 -4.48 18.32
C ASN C 373 -15.86 -4.93 18.74
N LYS C 374 -15.91 -6.04 19.45
CA LYS C 374 -17.16 -6.59 19.96
C LYS C 374 -17.97 -5.47 20.62
N HIS C 375 -17.27 -4.50 21.21
CA HIS C 375 -17.93 -3.39 21.89
C HIS C 375 -18.26 -2.23 20.98
N LEU C 376 -17.35 -1.91 20.07
CA LEU C 376 -17.61 -0.82 19.14
C LEU C 376 -18.76 -1.23 18.25
N GLN C 377 -18.90 -2.53 18.01
CA GLN C 377 -19.97 -3.04 17.16
C GLN C 377 -21.27 -3.14 17.92
N ASP C 378 -21.30 -2.53 19.11
CA ASP C 378 -22.51 -2.48 19.93
C ASP C 378 -22.85 -1.00 19.95
N LEU C 379 -21.82 -0.18 20.10
CA LEU C 379 -21.99 1.27 20.09
C LEU C 379 -22.49 1.72 18.72
N MET C 380 -22.09 1.00 17.68
CA MET C 380 -22.50 1.33 16.32
C MET C 380 -22.41 0.09 15.46
N GLU C 381 -23.16 0.07 14.37
CA GLU C 381 -23.15 -1.09 13.47
C GLU C 381 -21.91 -1.11 12.59
N GLY C 382 -21.21 -2.24 12.58
CA GLY C 382 -20.03 -2.37 11.76
C GLY C 382 -18.84 -1.53 12.17
N LEU C 383 -19.00 -0.69 13.18
CA LEU C 383 -17.89 0.13 13.64
C LEU C 383 -16.79 -0.82 14.09
N THR C 384 -15.55 -0.52 13.77
CA THR C 384 -14.43 -1.35 14.18
C THR C 384 -13.22 -0.45 14.21
N ALA C 385 -12.37 -0.62 15.22
CA ALA C 385 -11.17 0.20 15.38
C ALA C 385 -10.80 1.00 14.14
N LYS C 386 -10.60 0.28 13.03
CA LYS C 386 -10.21 0.87 11.75
C LYS C 386 -11.01 2.08 11.28
N VAL C 387 -12.35 1.96 11.21
CA VAL C 387 -13.22 3.06 10.76
C VAL C 387 -12.76 4.41 11.26
N PHE C 388 -12.18 4.42 12.46
CA PHE C 388 -11.71 5.66 13.05
C PHE C 388 -10.68 6.36 12.19
N ARG C 389 -9.59 5.67 11.84
CA ARG C 389 -8.54 6.24 11.00
C ARG C 389 -9.13 6.81 9.71
N THR C 390 -10.16 6.15 9.17
CA THR C 390 -10.79 6.62 7.96
C THR C 390 -11.67 7.83 8.20
N TYR C 391 -12.39 7.85 9.33
CA TYR C 391 -13.25 8.98 9.64
C TYR C 391 -12.43 10.24 9.93
N ASN C 392 -11.58 10.19 10.94
CA ASN C 392 -10.77 11.35 11.29
C ASN C 392 -10.18 11.95 10.03
N ALA C 393 -9.27 11.21 9.42
CA ALA C 393 -8.62 11.65 8.19
C ALA C 393 -9.61 12.15 7.14
N SER C 394 -10.66 11.38 6.89
CA SER C 394 -11.63 11.80 5.90
C SER C 394 -12.20 13.18 6.14
N ILE C 395 -12.46 13.54 7.40
CA ILE C 395 -13.05 14.84 7.71
C ILE C 395 -12.06 16.00 7.64
N THR C 396 -10.78 15.70 7.84
CA THR C 396 -9.76 16.72 7.79
C THR C 396 -9.56 17.14 6.34
N LEU C 397 -9.83 16.23 5.41
CA LEU C 397 -9.68 16.52 4.00
C LEU C 397 -10.78 17.49 3.59
N GLN C 398 -12.03 17.15 3.87
CA GLN C 398 -13.14 18.03 3.54
C GLN C 398 -12.94 19.34 4.33
N GLN C 399 -12.11 19.25 5.37
CA GLN C 399 -11.75 20.38 6.23
C GLN C 399 -10.69 21.19 5.49
N GLN C 400 -9.44 20.76 5.59
CA GLN C 400 -8.33 21.41 4.93
C GLN C 400 -8.74 22.21 3.70
N LEU C 401 -9.65 21.66 2.90
CA LEU C 401 -10.13 22.34 1.68
C LEU C 401 -10.66 23.76 1.97
N LYS C 402 -11.75 23.82 2.73
CA LYS C 402 -12.36 25.10 3.10
C LYS C 402 -11.40 25.89 3.99
N GLU C 403 -10.14 25.46 4.01
CA GLU C 403 -9.09 26.08 4.81
C GLU C 403 -8.01 26.68 3.91
N LEU C 404 -7.95 26.24 2.66
CA LEU C 404 -6.95 26.74 1.73
C LEU C 404 -7.37 26.82 0.25
N THR C 405 -8.66 26.68 -0.04
CA THR C 405 -9.17 26.73 -1.43
C THR C 405 -9.81 28.08 -1.77
N ALA C 406 -8.99 29.08 -2.09
CA ALA C 406 -9.49 30.41 -2.44
C ALA C 406 -10.70 30.27 -3.39
N PRO C 407 -11.70 31.16 -3.25
CA PRO C 407 -12.90 31.15 -4.09
C PRO C 407 -12.69 31.45 -5.58
N ASP C 408 -11.45 31.64 -5.99
CA ASP C 408 -11.14 31.93 -7.39
C ASP C 408 -9.66 32.27 -7.60
N GLU C 409 -8.91 31.32 -8.14
CA GLU C 409 -7.49 31.54 -8.39
C GLU C 409 -6.99 30.59 -9.47
N ASN C 410 -5.72 30.72 -9.82
CA ASN C 410 -5.11 29.88 -10.84
C ASN C 410 -5.16 28.40 -10.41
N ILE C 411 -5.44 27.52 -11.35
CA ILE C 411 -5.52 26.09 -11.06
C ILE C 411 -4.38 25.65 -10.15
N PRO C 412 -3.12 25.83 -10.57
CA PRO C 412 -2.01 25.43 -9.71
C PRO C 412 -2.21 25.82 -8.25
N ALA C 413 -2.68 27.04 -8.03
CA ALA C 413 -2.92 27.56 -6.67
C ALA C 413 -3.81 26.62 -5.87
N LYS C 414 -4.72 25.96 -6.60
CA LYS C 414 -5.66 25.01 -5.99
C LYS C 414 -4.90 23.73 -5.65
N ILE C 415 -4.54 23.00 -6.72
CA ILE C 415 -3.80 21.76 -6.61
C ILE C 415 -2.60 21.99 -5.70
N LEU C 416 -2.34 23.24 -5.40
CA LEU C 416 -1.24 23.59 -4.52
C LEU C 416 -1.55 23.05 -3.13
N SER C 417 -2.20 23.89 -2.31
CA SER C 417 -2.53 23.48 -0.95
C SER C 417 -3.41 22.24 -0.92
N TYR C 418 -4.05 21.90 -2.04
CA TYR C 418 -4.87 20.69 -2.04
C TYR C 418 -3.93 19.56 -1.66
N ASN C 419 -3.05 19.18 -2.59
CA ASN C 419 -2.10 18.11 -2.33
C ASN C 419 -1.06 18.50 -1.29
N ARG C 420 -1.22 19.70 -0.72
CA ARG C 420 -0.29 20.19 0.29
C ARG C 420 -0.97 20.09 1.66
N ALA C 421 -2.20 20.59 1.75
CA ALA C 421 -2.98 20.58 2.99
C ALA C 421 -3.12 19.14 3.47
N ASN C 422 -3.74 18.34 2.61
CA ASN C 422 -3.96 16.94 2.90
C ASN C 422 -2.66 16.28 3.37
N ARG C 423 -1.55 17.00 3.31
CA ARG C 423 -0.28 16.42 3.73
C ARG C 423 -0.23 16.07 5.21
N ALA C 424 -0.60 17.01 6.08
CA ALA C 424 -0.57 16.75 7.51
C ALA C 424 -1.54 15.63 7.88
N VAL C 425 -2.53 15.45 7.02
CA VAL C 425 -3.57 14.43 7.19
C VAL C 425 -3.10 13.07 6.65
N ALA C 426 -1.82 12.99 6.28
CA ALA C 426 -1.24 11.75 5.75
C ALA C 426 0.06 11.42 6.47
N ILE C 427 0.33 12.16 7.55
CA ILE C 427 1.52 11.97 8.36
C ILE C 427 1.14 11.71 9.83
N LEU C 428 -0.05 12.17 10.23
CA LEU C 428 -0.49 11.94 11.60
C LEU C 428 -0.82 10.45 11.64
N CYS C 429 -0.72 9.84 10.47
CA CYS C 429 -0.96 8.41 10.28
C CYS C 429 0.39 7.72 10.35
N ASN C 430 1.44 8.48 9.99
CA ASN C 430 2.84 8.05 9.98
C ASN C 430 3.18 6.97 8.95
N HIS C 431 2.85 7.23 7.69
CA HIS C 431 3.11 6.29 6.59
C HIS C 431 4.49 6.57 6.01
N GLN C 432 5.37 5.56 6.01
CA GLN C 432 6.73 5.71 5.48
C GLN C 432 7.12 4.59 4.52
N GLU C 440 18.04 10.35 -2.41
CA GLU C 440 18.85 11.17 -1.51
C GLU C 440 19.33 12.44 -2.22
N LYS C 441 19.81 12.27 -3.45
CA LYS C 441 20.28 13.40 -4.25
C LYS C 441 19.23 13.75 -5.31
N SER C 442 18.09 14.29 -4.86
CA SER C 442 16.99 14.66 -5.75
C SER C 442 16.55 16.11 -5.61
N MET C 443 16.52 16.61 -4.37
CA MET C 443 16.11 17.99 -4.11
C MET C 443 17.22 18.99 -4.41
N MET C 444 18.46 18.64 -4.07
CA MET C 444 19.59 19.52 -4.34
C MET C 444 19.70 19.61 -5.86
N ASN C 445 18.89 18.80 -6.54
CA ASN C 445 18.84 18.75 -8.00
C ASN C 445 17.65 19.57 -8.49
N LEU C 446 17.13 20.44 -7.62
CA LEU C 446 16.01 21.29 -7.98
C LEU C 446 16.56 22.66 -8.36
N GLN C 447 17.74 23.00 -7.84
CA GLN C 447 18.34 24.29 -8.17
C GLN C 447 18.71 24.37 -9.64
N THR C 448 19.47 23.40 -10.13
CA THR C 448 19.87 23.38 -11.53
C THR C 448 18.64 23.27 -12.43
N LYS C 449 17.47 23.25 -11.82
CA LYS C 449 16.21 23.17 -12.54
C LYS C 449 15.34 24.37 -12.19
N ILE C 450 14.92 24.47 -10.93
CA ILE C 450 14.10 25.58 -10.47
C ILE C 450 14.77 26.92 -10.80
N ASP C 451 16.04 27.07 -10.43
CA ASP C 451 16.77 28.30 -10.71
C ASP C 451 16.72 28.53 -12.21
N ALA C 452 16.94 27.45 -12.96
CA ALA C 452 16.93 27.49 -14.42
C ALA C 452 15.63 28.07 -14.97
N LYS C 453 14.53 27.33 -14.80
CA LYS C 453 13.22 27.77 -15.28
C LYS C 453 12.77 29.04 -14.55
N LYS C 454 13.26 29.24 -13.34
CA LYS C 454 12.92 30.42 -12.55
C LYS C 454 13.51 31.63 -13.27
N GLU C 455 14.64 31.42 -13.94
CA GLU C 455 15.27 32.49 -14.68
C GLU C 455 14.46 32.74 -15.93
N GLN C 456 13.55 31.84 -16.25
CA GLN C 456 12.69 32.03 -17.41
C GLN C 456 11.81 33.22 -17.01
N LEU C 457 11.75 33.46 -15.71
CA LEU C 457 10.99 34.57 -15.16
C LEU C 457 11.60 35.87 -15.66
N ALA C 458 12.84 36.11 -15.26
CA ALA C 458 13.57 37.30 -15.68
C ALA C 458 13.65 37.34 -17.20
N ASP C 459 13.45 36.18 -17.83
CA ASP C 459 13.48 36.09 -19.27
C ASP C 459 12.36 36.99 -19.78
N ALA C 460 11.13 36.53 -19.63
CA ALA C 460 9.98 37.31 -20.07
C ALA C 460 9.81 38.55 -19.19
N ARG C 461 10.60 38.66 -18.13
CA ARG C 461 10.54 39.84 -17.27
C ARG C 461 11.14 40.98 -18.08
N ARG C 462 12.47 41.02 -18.18
CA ARG C 462 13.09 42.04 -19.03
C ARG C 462 12.38 41.64 -20.32
N ASP C 463 12.27 42.54 -21.29
CA ASP C 463 11.47 42.25 -22.46
C ASP C 463 10.20 42.56 -21.69
N LEU C 464 9.03 42.36 -22.25
CA LEU C 464 7.81 42.77 -21.52
C LEU C 464 7.92 44.28 -21.30
N LYS C 465 9.17 44.75 -21.25
CA LYS C 465 9.53 46.14 -21.09
C LYS C 465 9.42 46.61 -22.53
N SER C 466 9.59 45.64 -23.44
CA SER C 466 9.47 45.92 -24.85
C SER C 466 7.98 46.09 -25.14
N ALA C 467 7.17 45.84 -24.14
CA ALA C 467 5.73 46.01 -24.29
C ALA C 467 5.51 47.52 -24.27
N LYS C 468 6.28 48.21 -23.41
CA LYS C 468 6.20 49.66 -23.31
C LYS C 468 7.11 50.24 -24.37
N ALA C 469 8.40 49.96 -24.23
CA ALA C 469 9.39 50.46 -25.18
C ALA C 469 8.86 50.49 -26.60
N ASP C 470 8.05 49.50 -26.95
CA ASP C 470 7.49 49.44 -28.30
C ASP C 470 6.20 50.24 -28.45
N ALA C 471 5.10 49.75 -27.91
CA ALA C 471 3.85 50.48 -28.02
C ALA C 471 3.91 51.77 -27.19
N LYS C 472 5.13 52.24 -26.92
CA LYS C 472 5.34 53.47 -26.16
C LYS C 472 4.87 54.63 -27.03
N VAL C 473 5.84 55.40 -27.54
CA VAL C 473 5.52 56.54 -28.41
C VAL C 473 4.49 56.06 -29.42
N MET C 474 4.80 54.94 -30.06
CA MET C 474 3.92 54.35 -31.05
C MET C 474 2.48 54.40 -30.52
N LYS C 475 1.53 54.54 -31.43
CA LYS C 475 0.11 54.59 -31.05
C LYS C 475 -0.81 54.00 -32.12
N ASP C 476 -0.77 52.68 -32.31
CA ASP C 476 -1.64 52.00 -33.28
C ASP C 476 -2.39 50.77 -32.72
N ALA C 477 -1.92 49.57 -33.06
CA ALA C 477 -2.57 48.35 -32.57
C ALA C 477 -1.72 47.15 -32.95
N LYS C 478 -0.94 47.31 -34.01
CA LYS C 478 -0.05 46.26 -34.48
C LYS C 478 1.06 46.09 -33.45
N THR C 479 1.59 47.23 -32.98
CA THR C 479 2.64 47.23 -31.99
C THR C 479 2.07 46.73 -30.66
N LYS C 480 0.92 47.28 -30.25
CA LYS C 480 0.25 46.90 -29.00
C LYS C 480 -0.20 45.43 -28.97
N LYS C 481 0.29 44.65 -29.93
CA LYS C 481 -0.02 43.24 -30.02
C LYS C 481 1.15 42.44 -29.44
N VAL C 482 2.19 43.16 -29.02
CA VAL C 482 3.38 42.55 -28.41
C VAL C 482 3.24 42.55 -26.90
N VAL C 483 2.36 43.42 -26.39
CA VAL C 483 2.10 43.55 -24.97
C VAL C 483 1.22 42.40 -24.46
N GLU C 484 0.22 42.01 -25.24
CA GLU C 484 -0.65 40.92 -24.84
C GLU C 484 0.16 39.62 -24.89
N SER C 485 1.09 39.54 -25.83
CA SER C 485 1.93 38.36 -25.98
C SER C 485 2.89 38.26 -24.82
N LYS C 486 3.31 39.43 -24.31
CA LYS C 486 4.23 39.47 -23.18
C LYS C 486 3.60 38.69 -22.04
N LYS C 487 2.42 39.13 -21.64
CA LYS C 487 1.67 38.50 -20.56
C LYS C 487 1.26 37.07 -20.92
N LYS C 488 1.56 36.63 -22.14
CA LYS C 488 1.27 35.26 -22.54
C LYS C 488 2.40 34.44 -21.93
N ALA C 489 3.59 35.03 -21.97
CA ALA C 489 4.77 34.39 -21.39
C ALA C 489 4.69 34.59 -19.89
N VAL C 490 3.68 35.35 -19.46
CA VAL C 490 3.56 35.64 -18.04
C VAL C 490 2.81 34.69 -17.13
N GLN C 491 1.72 34.10 -17.59
CA GLN C 491 0.98 33.14 -16.77
C GLN C 491 1.55 31.77 -17.12
N ARG C 492 2.17 31.67 -18.29
CA ARG C 492 2.71 30.41 -18.79
C ARG C 492 3.97 30.02 -18.02
N LEU C 493 4.66 31.03 -17.51
CA LEU C 493 5.88 30.84 -16.76
C LEU C 493 5.63 31.08 -15.27
N GLU C 494 4.93 32.16 -14.94
CA GLU C 494 4.63 32.42 -13.53
C GLU C 494 4.10 31.13 -12.92
N GLU C 495 3.40 30.35 -13.73
CA GLU C 495 2.89 29.07 -13.27
C GLU C 495 4.10 28.16 -13.22
N GLN C 496 4.85 28.10 -14.32
CA GLN C 496 6.05 27.28 -14.38
C GLN C 496 6.97 27.64 -13.19
N LEU C 497 6.47 28.55 -12.36
CA LEU C 497 7.17 28.99 -11.16
C LEU C 497 6.32 28.50 -9.99
N MET C 498 5.03 28.84 -10.03
CA MET C 498 4.08 28.43 -9.00
C MET C 498 3.80 26.93 -9.10
N LYS C 499 4.02 26.41 -10.30
CA LYS C 499 3.80 24.99 -10.60
C LYS C 499 4.92 24.12 -10.03
N LEU C 500 5.69 24.66 -9.10
CA LEU C 500 6.79 23.93 -8.48
C LEU C 500 6.98 24.46 -7.08
N GLU C 501 6.23 25.51 -6.74
CA GLU C 501 6.31 26.13 -5.43
C GLU C 501 5.82 25.15 -4.36
N VAL C 502 5.10 24.12 -4.80
CA VAL C 502 4.57 23.10 -3.90
C VAL C 502 5.67 22.12 -3.52
N GLN C 503 6.24 21.46 -4.51
CA GLN C 503 7.30 20.49 -4.30
C GLN C 503 8.30 21.04 -3.29
N ALA C 504 8.26 22.36 -3.10
CA ALA C 504 9.13 23.03 -2.17
C ALA C 504 8.65 22.74 -0.75
N THR C 505 7.34 22.90 -0.53
CA THR C 505 6.71 22.67 0.77
C THR C 505 6.31 21.23 0.98
N ASP C 506 6.22 20.48 -0.12
CA ASP C 506 5.83 19.08 -0.06
C ASP C 506 6.97 18.21 0.45
N ARG C 507 7.93 17.94 -0.44
CA ARG C 507 9.08 17.11 -0.13
C ARG C 507 9.81 17.49 1.17
N GLU C 508 9.63 18.73 1.62
CA GLU C 508 10.27 19.15 2.85
C GLU C 508 9.38 18.88 4.06
N GLU C 509 8.09 18.73 3.81
CA GLU C 509 7.12 18.44 4.86
C GLU C 509 6.43 17.12 4.56
N ASN C 510 7.10 16.28 3.76
CA ASN C 510 6.55 14.99 3.37
C ASN C 510 7.66 14.00 2.98
N LYS C 511 8.82 14.11 3.64
CA LYS C 511 9.96 13.24 3.34
C LYS C 511 9.80 11.85 3.95
N GLN C 512 10.31 11.67 5.16
CA GLN C 512 10.24 10.39 5.86
C GLN C 512 8.81 9.82 5.87
N ILE C 513 7.82 10.70 5.92
CA ILE C 513 6.42 10.29 5.96
C ILE C 513 5.72 10.34 4.59
N ALA C 514 5.73 9.20 3.89
CA ALA C 514 5.09 9.07 2.58
C ALA C 514 3.58 8.99 2.74
N LEU C 515 2.85 9.27 1.66
CA LEU C 515 1.39 9.23 1.70
C LEU C 515 0.78 8.61 0.45
N GLY C 516 1.25 7.42 0.09
CA GLY C 516 0.71 6.75 -1.07
C GLY C 516 -0.59 6.05 -0.74
N THR C 517 -0.82 5.86 0.56
CA THR C 517 -2.04 5.20 1.03
C THR C 517 -3.15 6.23 1.06
N SER C 518 -2.80 7.44 1.47
CA SER C 518 -3.75 8.52 1.55
C SER C 518 -4.59 8.61 0.28
N LYS C 519 -3.98 8.98 -0.85
CA LYS C 519 -4.70 9.12 -2.12
C LYS C 519 -5.21 7.79 -2.71
N LEU C 520 -5.62 6.90 -1.83
CA LEU C 520 -6.13 5.60 -2.25
C LEU C 520 -7.13 5.05 -1.23
N ASN C 521 -6.61 4.66 -0.07
CA ASN C 521 -7.47 4.13 0.99
C ASN C 521 -7.97 5.30 1.83
N PHE C 522 -8.35 5.00 3.07
CA PHE C 522 -8.87 5.95 4.05
C PHE C 522 -9.53 7.30 3.72
N LEU C 523 -9.54 7.71 2.47
CA LEU C 523 -10.11 9.01 2.12
C LEU C 523 -11.29 8.81 1.18
N ASP C 524 -12.47 9.31 1.55
CA ASP C 524 -13.64 9.15 0.69
C ASP C 524 -13.29 9.90 -0.58
N PRO C 525 -13.33 9.23 -1.74
CA PRO C 525 -12.99 9.88 -3.02
C PRO C 525 -14.02 10.91 -3.45
N ARG C 526 -15.21 10.82 -2.84
CA ARG C 526 -16.29 11.74 -3.14
C ARG C 526 -15.81 13.11 -2.65
N ILE C 527 -15.35 13.19 -1.40
CA ILE C 527 -14.84 14.45 -0.85
C ILE C 527 -14.01 15.21 -1.90
N THR C 528 -13.28 14.46 -2.72
CA THR C 528 -12.42 15.04 -3.76
C THR C 528 -13.11 15.20 -5.10
N VAL C 529 -13.88 14.20 -5.50
CA VAL C 529 -14.62 14.23 -6.78
C VAL C 529 -15.63 15.38 -6.87
N ALA C 530 -16.19 15.76 -5.72
CA ALA C 530 -17.16 16.85 -5.68
C ALA C 530 -16.39 18.17 -5.73
N TRP C 531 -15.34 18.26 -4.91
CA TRP C 531 -14.50 19.44 -4.88
C TRP C 531 -14.03 19.71 -6.32
N CYS C 532 -13.77 18.64 -7.05
CA CYS C 532 -13.33 18.79 -8.43
C CYS C 532 -14.41 19.50 -9.22
N LYS C 533 -15.52 18.80 -9.44
CA LYS C 533 -16.67 19.33 -10.19
C LYS C 533 -17.04 20.76 -9.77
N LYS C 534 -16.81 21.08 -8.50
CA LYS C 534 -17.12 22.39 -7.91
C LYS C 534 -16.36 23.53 -8.55
N TRP C 535 -15.05 23.39 -8.64
CA TRP C 535 -14.22 24.44 -9.21
C TRP C 535 -13.79 24.10 -10.62
N GLY C 536 -14.64 23.37 -11.33
CA GLY C 536 -14.34 22.99 -12.69
C GLY C 536 -13.00 22.30 -12.89
N VAL C 537 -12.25 22.05 -11.82
CA VAL C 537 -10.95 21.39 -11.92
C VAL C 537 -11.10 19.97 -12.42
N PRO C 538 -10.31 19.59 -13.43
CA PRO C 538 -10.35 18.25 -14.03
C PRO C 538 -9.88 17.13 -13.10
N ILE C 539 -10.64 16.04 -13.04
CA ILE C 539 -10.29 14.91 -12.19
C ILE C 539 -8.98 14.31 -12.65
N GLU C 540 -8.83 14.20 -13.98
CA GLU C 540 -7.63 13.63 -14.59
C GLU C 540 -6.33 14.28 -14.09
N LYS C 541 -6.44 15.46 -13.48
CA LYS C 541 -5.27 16.17 -12.99
C LYS C 541 -4.73 15.68 -11.65
N ILE C 542 -5.63 15.29 -10.75
CA ILE C 542 -5.27 14.79 -9.42
C ILE C 542 -4.97 13.30 -9.44
N TYR C 543 -5.97 12.51 -9.84
CA TYR C 543 -5.86 11.05 -9.93
C TYR C 543 -5.28 10.65 -11.29
N ASN C 544 -4.84 9.40 -11.42
CA ASN C 544 -4.28 8.93 -12.69
C ASN C 544 -5.17 7.88 -13.35
N LYS C 545 -4.81 7.52 -14.58
CA LYS C 545 -5.54 6.54 -15.38
C LYS C 545 -6.20 5.39 -14.61
N THR C 546 -5.43 4.79 -13.70
CA THR C 546 -5.92 3.67 -12.93
C THR C 546 -6.82 4.09 -11.80
N GLN C 547 -6.39 5.08 -11.04
CA GLN C 547 -7.18 5.55 -9.93
C GLN C 547 -8.61 5.81 -10.36
N ARG C 548 -8.79 6.70 -11.34
CA ARG C 548 -10.13 7.03 -11.82
C ARG C 548 -10.97 5.79 -12.06
N GLU C 549 -10.32 4.70 -12.45
CA GLU C 549 -11.01 3.46 -12.73
C GLU C 549 -11.50 2.74 -11.48
N LYS C 550 -10.81 2.95 -10.36
CA LYS C 550 -11.23 2.31 -9.12
C LYS C 550 -12.34 3.12 -8.49
N PHE C 551 -12.29 4.44 -8.70
CA PHE C 551 -13.27 5.38 -8.16
C PHE C 551 -14.35 5.79 -9.18
N ALA C 552 -14.50 4.99 -10.22
CA ALA C 552 -15.50 5.28 -11.24
C ALA C 552 -16.90 5.42 -10.64
N TRP C 553 -17.08 4.94 -9.42
CA TRP C 553 -18.37 5.04 -8.76
C TRP C 553 -18.41 6.41 -8.09
N ALA C 554 -17.29 6.79 -7.49
CA ALA C 554 -17.20 8.06 -6.77
C ALA C 554 -17.14 9.26 -7.67
N ILE C 555 -17.07 9.01 -8.98
CA ILE C 555 -17.02 10.07 -9.95
C ILE C 555 -18.40 10.33 -10.55
N ASP C 556 -18.96 9.28 -11.15
CA ASP C 556 -20.28 9.31 -11.79
C ASP C 556 -21.42 9.76 -10.88
N MET C 557 -21.36 9.42 -9.59
CA MET C 557 -22.45 9.78 -8.68
C MET C 557 -22.16 10.67 -7.47
N ALA C 558 -21.44 11.76 -7.70
CA ALA C 558 -21.12 12.73 -6.65
C ALA C 558 -21.16 14.12 -7.29
N ASP C 559 -21.87 15.05 -6.68
CA ASP C 559 -21.98 16.39 -7.22
C ASP C 559 -21.25 17.35 -6.29
N GLU C 560 -21.04 18.56 -6.76
CA GLU C 560 -20.37 19.60 -5.98
C GLU C 560 -21.12 19.66 -4.66
N ASP C 561 -22.39 19.25 -4.72
CA ASP C 561 -23.34 19.22 -3.60
C ASP C 561 -23.09 18.12 -2.57
N TYR C 562 -22.07 17.30 -2.81
CA TYR C 562 -21.75 16.21 -1.88
C TYR C 562 -21.08 16.68 -0.58
N GLU C 563 -21.46 16.03 0.52
CA GLU C 563 -20.91 16.33 1.84
C GLU C 563 -20.78 15.02 2.64
N PHE C 564 -19.56 14.70 3.03
CA PHE C 564 -19.26 13.48 3.79
C PHE C 564 -19.89 13.50 5.17
#